data_7OQU
#
_entry.id   7OQU
#
_cell.length_a   82.611
_cell.length_b   111.835
_cell.length_c   62.277
_cell.angle_alpha   90.000
_cell.angle_beta   90.000
_cell.angle_gamma   90.000
#
_symmetry.space_group_name_H-M   'C 2 2 21'
#
loop_
_entity.id
_entity.type
_entity.pdbx_description
1 polymer '14-3-3 protein sigma'
2 polymer 'Amot-p130 phosphopeptide (pS175)'
3 non-polymer (2~{S},3~{S})-~{N}-[(5-carbamimidoyl-3-phenyl-thiophen-2-yl)methyl]-3-methyl-2,3-dihydro-1-benzofuran-2-carboxamide
4 non-polymer 'CHLORIDE ION'
5 non-polymer 'MAGNESIUM ION'
6 water water
#
loop_
_entity_poly.entity_id
_entity_poly.type
_entity_poly.pdbx_seq_one_letter_code
_entity_poly.pdbx_strand_id
1 'polypeptide(L)'
;GAMGSMERASLIQKAKLAEQAERYEDMAAFMKGAVEKGEELS(CSO)EERNLLSVAYKNVVGGQRAAWRVLSSIEQKSNE
EGSEEKGPEVREYREKVETELQGVCDTVLGLLDSHLIKEAGDAESRVFYLKMKGDYYRYLAEVATGDDKKRIIDSARSAY
QEAMDISKKEMPPTNPIRLGLALNFSVFHYEIANSPEEAISLAKTTFDEAMADLHTLSEDSYKDSTLIMQLLRDNLTLWT
ADNAGEEGGEAPQEPQS
;
A
2 'polypeptide(L)' GHVRSL(SEP)ERLMQM P
#
loop_
_chem_comp.id
_chem_comp.type
_chem_comp.name
_chem_comp.formula
0BL non-polymer (2~{S},3~{S})-~{N}-[(5-carbamimidoyl-3-phenyl-thiophen-2-yl)methyl]-3-methyl-2,3-dihydro-1-benzofuran-2-carboxamide 'C22 H21 N3 O2 S'
CL non-polymer 'CHLORIDE ION' 'Cl -1'
MG non-polymer 'MAGNESIUM ION' 'Mg 2'
#
# COMPACT_ATOMS: atom_id res chain seq x y z
N ALA A 2 15.31 18.82 0.99
CA ALA A 2 15.06 20.27 0.76
C ALA A 2 14.00 20.80 1.72
N MET A 3 13.34 19.89 2.42
CA MET A 3 12.32 20.27 3.39
C MET A 3 12.87 20.43 4.79
N GLY A 4 14.17 20.27 4.98
CA GLY A 4 14.74 20.33 6.31
C GLY A 4 14.61 21.67 6.99
N SER A 5 14.45 22.75 6.24
CA SER A 5 14.30 24.06 6.86
C SER A 5 12.87 24.43 7.19
N MET A 6 11.88 23.62 6.80
CA MET A 6 10.49 23.95 7.09
C MET A 6 10.02 23.28 8.37
N GLU A 7 9.22 24.01 9.15
CA GLU A 7 8.63 23.45 10.35
C GLU A 7 7.78 22.22 10.05
N ARG A 8 7.82 21.26 10.98
CA ARG A 8 6.97 20.07 10.86
C ARG A 8 5.51 20.44 10.63
N ALA A 9 4.96 21.36 11.44
CA ALA A 9 3.54 21.68 11.33
C ALA A 9 3.23 22.31 9.97
N SER A 10 4.17 23.09 9.43
CA SER A 10 3.97 23.68 8.12
C SER A 10 4.00 22.64 7.01
N LEU A 11 4.88 21.64 7.11
CA LEU A 11 4.91 20.55 6.14
C LEU A 11 3.59 19.81 6.14
N ILE A 12 3.02 19.55 7.32
CA ILE A 12 1.76 18.83 7.38
C ILE A 12 0.64 19.66 6.79
N GLN A 13 0.60 20.95 7.11
CA GLN A 13 -0.43 21.82 6.56
C GLN A 13 -0.31 21.88 5.03
N LYS A 14 0.91 21.98 4.51
CA LYS A 14 1.09 22.02 3.06
C LYS A 14 0.74 20.69 2.39
N ALA A 15 0.99 19.57 3.07
CA ALA A 15 0.55 18.28 2.53
C ALA A 15 -0.96 18.25 2.39
N LYS A 16 -1.70 18.79 3.36
CA LYS A 16 -3.15 18.83 3.27
C LYS A 16 -3.61 19.73 2.12
N LEU A 17 -2.94 20.86 1.91
CA LEU A 17 -3.25 21.74 0.79
C LEU A 17 -2.95 21.06 -0.55
N ALA A 18 -1.79 20.41 -0.64
CA ALA A 18 -1.42 19.71 -1.86
C ALA A 18 -2.44 18.64 -2.20
N GLU A 19 -2.95 17.93 -1.20
CA GLU A 19 -4.00 16.95 -1.44
C GLU A 19 -5.23 17.60 -2.08
N GLN A 20 -5.66 18.74 -1.54
CA GLN A 20 -6.83 19.41 -2.11
C GLN A 20 -6.57 19.89 -3.53
N ALA A 21 -5.32 20.29 -3.83
CA ALA A 21 -4.94 20.76 -5.14
C ALA A 21 -4.59 19.61 -6.09
N GLU A 22 -4.68 18.35 -5.63
CA GLU A 22 -4.29 17.17 -6.42
C GLU A 22 -2.84 17.23 -6.89
N ARG A 23 -1.97 17.76 -6.04
CA ARG A 23 -0.55 17.87 -6.31
C ARG A 23 0.16 16.81 -5.47
N TYR A 24 0.07 15.57 -5.96
CA TYR A 24 0.50 14.44 -5.13
C TYR A 24 2.01 14.29 -5.00
N GLU A 25 2.78 14.67 -6.02
N GLU A 25 2.78 14.67 -6.03
CA GLU A 25 4.22 14.68 -5.88
CA GLU A 25 4.22 14.69 -5.88
C GLU A 25 4.66 15.67 -4.80
C GLU A 25 4.64 15.67 -4.78
N ASP A 26 4.06 16.87 -4.79
CA ASP A 26 4.35 17.83 -3.72
C ASP A 26 3.94 17.25 -2.37
N MET A 27 2.75 16.64 -2.32
CA MET A 27 2.26 16.08 -1.06
C MET A 27 3.22 15.05 -0.49
N ALA A 28 3.75 14.19 -1.36
CA ALA A 28 4.71 13.17 -0.92
C ALA A 28 6.00 13.80 -0.43
N ALA A 29 6.48 14.84 -1.11
CA ALA A 29 7.69 15.52 -0.66
C ALA A 29 7.48 16.16 0.72
N PHE A 30 6.32 16.81 0.93
CA PHE A 30 6.04 17.42 2.23
C PHE A 30 5.98 16.34 3.32
N MET A 31 5.33 15.21 3.03
CA MET A 31 5.21 14.17 4.05
C MET A 31 6.54 13.46 4.30
N LYS A 32 7.37 13.27 3.27
CA LYS A 32 8.73 12.77 3.52
C LYS A 32 9.50 13.71 4.43
N GLY A 33 9.40 15.01 4.18
CA GLY A 33 10.00 15.98 5.08
C GLY A 33 9.48 15.86 6.49
N ALA A 34 8.17 15.67 6.66
CA ALA A 34 7.62 15.54 8.01
C ALA A 34 8.16 14.28 8.69
N VAL A 35 8.20 13.15 7.98
CA VAL A 35 8.74 11.92 8.59
C VAL A 35 10.18 12.15 9.03
N GLU A 36 10.97 12.84 8.22
CA GLU A 36 12.39 13.02 8.52
C GLU A 36 12.64 13.94 9.70
N LYS A 37 11.62 14.61 10.24
CA LYS A 37 11.80 15.32 11.50
C LYS A 37 12.04 14.37 12.66
N GLY A 38 11.73 13.08 12.50
CA GLY A 38 12.09 12.08 13.49
C GLY A 38 11.05 11.79 14.55
N GLU A 39 9.94 12.49 14.57
CA GLU A 39 8.88 12.22 15.52
C GLU A 39 7.94 11.17 14.93
N GLU A 40 7.29 10.40 15.80
CA GLU A 40 6.27 9.46 15.31
C GLU A 40 5.12 10.25 14.66
N LEU A 41 4.38 9.58 13.77
CA LEU A 41 3.24 10.18 13.08
C LEU A 41 1.93 9.80 13.74
N SER A 42 0.97 10.71 13.72
CA SER A 42 -0.38 10.43 14.17
C SER A 42 -1.17 9.66 13.11
N CSO A 43 -2.38 9.20 13.45
CA CSO A 43 -3.18 8.47 12.49
CB CSO A 43 -4.50 8.04 13.18
SG CSO A 43 -5.67 7.28 12.01
C CSO A 43 -3.43 9.32 11.23
O CSO A 43 -3.30 8.85 10.10
OD CSO A 43 -5.00 5.72 11.47
HB2 CSO A 43 -4.92 8.82 13.56
HB3 CSO A 43 -4.30 7.40 13.87
HD CSO A 43 -5.59 5.31 10.81
N GLU A 44 -3.85 10.57 11.41
CA GLU A 44 -4.10 11.46 10.28
C GLU A 44 -2.84 11.61 9.43
N GLU A 45 -1.70 11.80 10.09
CA GLU A 45 -0.45 11.99 9.36
C GLU A 45 -0.03 10.72 8.61
N ARG A 46 -0.25 9.54 9.19
CA ARG A 46 0.04 8.30 8.49
C ARG A 46 -0.81 8.21 7.23
N ASN A 47 -2.08 8.58 7.33
CA ASN A 47 -2.95 8.58 6.17
C ASN A 47 -2.48 9.57 5.09
N LEU A 48 -2.01 10.76 5.49
CA LEU A 48 -1.49 11.69 4.50
C LEU A 48 -0.27 11.09 3.77
N LEU A 49 0.62 10.46 4.52
CA LEU A 49 1.79 9.82 3.91
C LEU A 49 1.34 8.78 2.90
N SER A 50 0.41 7.91 3.29
CA SER A 50 -0.03 6.81 2.44
C SER A 50 -0.76 7.32 1.20
N VAL A 51 -1.66 8.30 1.36
CA VAL A 51 -2.38 8.83 0.21
C VAL A 51 -1.41 9.42 -0.80
N ALA A 52 -0.41 10.16 -0.31
CA ALA A 52 0.50 10.83 -1.22
C ALA A 52 1.25 9.82 -2.07
N TYR A 53 1.91 8.86 -1.42
CA TYR A 53 2.72 7.92 -2.16
C TYR A 53 1.87 6.96 -2.97
N LYS A 54 0.67 6.62 -2.51
CA LYS A 54 -0.18 5.73 -3.30
C LYS A 54 -0.54 6.38 -4.62
N ASN A 55 -0.79 7.68 -4.60
CA ASN A 55 -1.14 8.37 -5.82
C ASN A 55 0.06 8.52 -6.74
N VAL A 56 1.24 8.84 -6.19
CA VAL A 56 2.43 8.94 -7.02
C VAL A 56 2.73 7.60 -7.68
N VAL A 57 2.86 6.55 -6.89
CA VAL A 57 3.21 5.25 -7.48
C VAL A 57 2.08 4.73 -8.33
N GLY A 58 0.83 5.10 -8.04
CA GLY A 58 -0.28 4.65 -8.86
C GLY A 58 -0.19 5.16 -10.28
N GLY A 59 0.20 6.43 -10.44
CA GLY A 59 0.39 6.97 -11.76
C GLY A 59 1.54 6.28 -12.49
N GLN A 60 2.62 5.99 -11.77
CA GLN A 60 3.74 5.31 -12.38
C GLN A 60 3.37 3.90 -12.81
N ARG A 61 2.62 3.19 -11.97
CA ARG A 61 2.21 1.83 -12.31
C ARG A 61 1.30 1.80 -13.52
N ALA A 62 0.35 2.72 -13.59
CA ALA A 62 -0.53 2.81 -14.74
C ALA A 62 0.28 3.06 -16.01
N ALA A 63 1.26 3.96 -15.95
CA ALA A 63 2.10 4.25 -17.11
C ALA A 63 2.94 3.03 -17.49
N TRP A 64 3.54 2.37 -16.51
CA TRP A 64 4.34 1.18 -16.79
C TRP A 64 3.51 0.11 -17.48
N ARG A 65 2.26 -0.07 -17.04
CA ARG A 65 1.42 -1.09 -17.65
C ARG A 65 1.12 -0.76 -19.10
N VAL A 66 0.85 0.51 -19.40
CA VAL A 66 0.61 0.92 -20.79
C VAL A 66 1.83 0.63 -21.63
N LEU A 67 3.01 1.03 -21.15
CA LEU A 67 4.24 0.87 -21.92
C LEU A 67 4.62 -0.60 -22.05
N SER A 68 4.47 -1.38 -20.99
N SER A 68 4.48 -1.38 -20.98
CA SER A 68 4.78 -2.81 -21.05
CA SER A 68 4.79 -2.81 -21.08
C SER A 68 3.90 -3.52 -22.07
C SER A 68 3.91 -3.49 -22.11
N SER A 69 2.63 -3.12 -22.16
CA SER A 69 1.73 -3.70 -23.15
C SER A 69 2.17 -3.35 -24.56
N ILE A 70 2.55 -2.10 -24.78
CA ILE A 70 3.03 -1.70 -26.11
C ILE A 70 4.31 -2.46 -26.45
N GLU A 71 5.20 -2.64 -25.47
CA GLU A 71 6.45 -3.33 -25.70
C GLU A 71 6.20 -4.80 -26.05
N GLN A 72 5.25 -5.43 -25.37
CA GLN A 72 4.98 -6.84 -25.64
C GLN A 72 4.42 -7.04 -27.04
N LYS A 73 3.57 -6.13 -27.51
CA LYS A 73 3.04 -6.26 -28.87
C LYS A 73 4.12 -6.05 -29.92
N SER A 74 5.11 -5.20 -29.66
CA SER A 74 6.21 -5.02 -30.59
C SER A 74 7.13 -6.24 -30.64
N ASN A 75 6.93 -7.21 -29.75
CA ASN A 75 7.74 -8.41 -29.73
C ASN A 75 6.88 -9.63 -30.08
N GLY A 83 12.34 -0.20 -32.98
CA GLY A 83 13.51 0.40 -32.37
C GLY A 83 13.55 0.22 -30.86
N PRO A 84 14.61 0.73 -30.23
CA PRO A 84 14.75 0.56 -28.78
C PRO A 84 13.92 1.50 -27.93
N GLU A 85 13.09 2.36 -28.53
CA GLU A 85 12.50 3.47 -27.78
C GLU A 85 11.48 2.99 -26.74
N VAL A 86 10.59 2.07 -27.11
CA VAL A 86 9.58 1.60 -26.17
C VAL A 86 10.26 0.96 -24.96
N ARG A 87 11.23 0.08 -25.20
CA ARG A 87 11.94 -0.54 -24.09
C ARG A 87 12.67 0.48 -23.25
N GLU A 88 13.35 1.43 -23.88
CA GLU A 88 14.10 2.43 -23.14
C GLU A 88 13.16 3.25 -22.25
N TYR A 89 12.00 3.64 -22.79
CA TYR A 89 11.08 4.49 -22.02
C TYR A 89 10.41 3.68 -20.91
N ARG A 90 10.01 2.44 -21.19
CA ARG A 90 9.49 1.58 -20.12
C ARG A 90 10.52 1.42 -19.02
N GLU A 91 11.80 1.25 -19.37
CA GLU A 91 12.85 1.13 -18.38
C GLU A 91 13.01 2.41 -17.57
N LYS A 92 12.85 3.57 -18.22
CA LYS A 92 12.96 4.83 -17.48
C LYS A 92 11.86 4.93 -16.44
N VAL A 93 10.61 4.64 -16.85
CA VAL A 93 9.48 4.71 -15.92
C VAL A 93 9.67 3.68 -14.82
N GLU A 94 10.13 2.47 -15.17
CA GLU A 94 10.38 1.43 -14.18
C GLU A 94 11.41 1.88 -13.13
N THR A 95 12.48 2.53 -13.58
CA THR A 95 13.50 2.99 -12.65
C THR A 95 12.94 4.06 -11.71
N GLU A 96 12.12 4.97 -12.24
CA GLU A 96 11.50 5.99 -11.42
CA GLU A 96 11.53 5.99 -11.41
C GLU A 96 10.57 5.38 -10.38
N LEU A 97 9.78 4.38 -10.80
CA LEU A 97 8.88 3.67 -9.89
C LEU A 97 9.67 2.98 -8.78
N GLN A 98 10.75 2.29 -9.15
CA GLN A 98 11.58 1.62 -8.15
C GLN A 98 12.18 2.62 -7.18
N GLY A 99 12.56 3.79 -7.67
CA GLY A 99 13.09 4.81 -6.78
C GLY A 99 12.08 5.32 -5.76
N VAL A 100 10.81 5.51 -6.19
CA VAL A 100 9.77 5.92 -5.25
C VAL A 100 9.54 4.81 -4.21
N CYS A 101 9.44 3.56 -4.67
CA CYS A 101 9.25 2.47 -3.71
C CYS A 101 10.42 2.40 -2.73
N ASP A 102 11.66 2.55 -3.21
CA ASP A 102 12.83 2.53 -2.33
C ASP A 102 12.79 3.68 -1.33
N THR A 103 12.28 4.85 -1.74
CA THR A 103 12.15 5.97 -0.81
C THR A 103 11.18 5.64 0.32
N VAL A 104 10.01 5.09 -0.04
CA VAL A 104 9.02 4.74 0.98
C VAL A 104 9.57 3.67 1.92
N LEU A 105 10.15 2.60 1.35
CA LEU A 105 10.72 1.55 2.17
C LEU A 105 11.81 2.08 3.08
N GLY A 106 12.57 3.07 2.61
CA GLY A 106 13.61 3.64 3.44
C GLY A 106 13.05 4.43 4.61
N LEU A 107 11.94 5.16 4.40
CA LEU A 107 11.30 5.84 5.52
C LEU A 107 10.78 4.83 6.53
N LEU A 108 10.21 3.72 6.06
CA LEU A 108 9.69 2.71 6.96
C LEU A 108 10.80 2.07 7.78
N ASP A 109 11.95 1.84 7.16
CA ASP A 109 13.08 1.22 7.83
C ASP A 109 13.92 2.20 8.65
N SER A 110 13.79 3.49 8.39
CA SER A 110 14.60 4.50 9.07
C SER A 110 13.72 5.70 9.37
N HIS A 111 12.86 5.62 10.41
CA HIS A 111 12.80 4.57 11.40
C HIS A 111 11.38 4.33 11.89
N LEU A 112 10.41 4.44 10.98
CA LEU A 112 9.00 4.41 11.38
C LEU A 112 8.60 3.08 12.02
N ILE A 113 9.01 1.95 11.44
CA ILE A 113 8.58 0.65 11.96
C ILE A 113 9.14 0.41 13.36
N LYS A 114 10.45 0.63 13.53
CA LYS A 114 11.04 0.29 14.82
C LYS A 114 10.51 1.16 15.94
N GLU A 115 10.07 2.38 15.65
CA GLU A 115 9.54 3.25 16.70
C GLU A 115 8.04 3.09 16.92
N ALA A 116 7.38 2.25 16.14
CA ALA A 116 5.92 2.03 16.25
C ALA A 116 5.64 0.93 17.28
N GLY A 117 5.19 1.34 18.46
CA GLY A 117 4.90 0.38 19.52
C GLY A 117 3.46 -0.08 19.54
N ASP A 118 2.53 0.81 19.20
CA ASP A 118 1.14 0.44 19.22
C ASP A 118 0.80 -0.42 18.03
N ALA A 119 -0.22 -1.27 18.19
CA ALA A 119 -0.64 -2.12 17.09
C ALA A 119 -1.14 -1.33 15.89
N GLU A 120 -1.91 -0.25 16.12
CA GLU A 120 -2.47 0.51 15.00
C GLU A 120 -1.35 1.07 14.12
N SER A 121 -0.29 1.59 14.74
N SER A 121 -0.30 1.60 14.74
CA SER A 121 0.77 2.16 13.93
CA SER A 121 0.81 2.16 13.97
C SER A 121 1.66 1.08 13.33
C SER A 121 1.63 1.06 13.33
N ARG A 122 2.02 0.05 14.10
CA ARG A 122 2.89 -1.00 13.57
C ARG A 122 2.24 -1.76 12.43
N VAL A 123 0.95 -2.09 12.56
CA VAL A 123 0.26 -2.78 11.47
C VAL A 123 0.20 -1.90 10.24
N PHE A 124 -0.09 -0.60 10.41
CA PHE A 124 -0.17 0.32 9.27
C PHE A 124 1.15 0.32 8.51
N TYR A 125 2.27 0.43 9.22
CA TYR A 125 3.56 0.53 8.55
C TYR A 125 3.99 -0.79 7.92
N LEU A 126 3.69 -1.92 8.58
CA LEU A 126 4.03 -3.21 8.00
C LEU A 126 3.20 -3.51 6.76
N LYS A 127 1.92 -3.12 6.77
CA LYS A 127 1.10 -3.20 5.57
C LYS A 127 1.73 -2.37 4.44
N MET A 128 2.15 -1.13 4.75
CA MET A 128 2.80 -0.31 3.73
C MET A 128 4.05 -0.99 3.19
N LYS A 129 4.85 -1.58 4.05
CA LYS A 129 6.04 -2.31 3.61
C LYS A 129 5.66 -3.43 2.64
N GLY A 130 4.63 -4.20 2.97
CA GLY A 130 4.16 -5.22 2.03
C GLY A 130 3.71 -4.62 0.70
N ASP A 131 2.97 -3.52 0.75
CA ASP A 131 2.45 -2.91 -0.47
C ASP A 131 3.59 -2.44 -1.38
N TYR A 132 4.61 -1.78 -0.83
CA TYR A 132 5.68 -1.23 -1.68
C TYR A 132 6.62 -2.32 -2.17
N TYR A 133 6.83 -3.41 -1.42
CA TYR A 133 7.51 -4.56 -2.01
C TYR A 133 6.65 -5.20 -3.10
N ARG A 134 5.32 -5.23 -2.91
CA ARG A 134 4.43 -5.76 -3.94
C ARG A 134 4.57 -4.96 -5.24
N TYR A 135 4.60 -3.62 -5.14
CA TYR A 135 4.76 -2.82 -6.35
C TYR A 135 6.11 -3.07 -7.01
N LEU A 136 7.18 -3.26 -6.22
CA LEU A 136 8.46 -3.69 -6.80
C LEU A 136 8.34 -5.04 -7.50
N ALA A 137 7.58 -5.97 -6.91
CA ALA A 137 7.46 -7.29 -7.50
C ALA A 137 6.76 -7.25 -8.84
N GLU A 138 5.82 -6.32 -9.02
CA GLU A 138 5.09 -6.21 -10.27
C GLU A 138 6.02 -6.00 -11.47
N VAL A 139 7.17 -5.35 -11.26
CA VAL A 139 8.09 -5.01 -12.34
C VAL A 139 9.37 -5.82 -12.29
N ALA A 140 9.53 -6.69 -11.32
CA ALA A 140 10.76 -7.45 -11.15
C ALA A 140 10.76 -8.71 -12.01
N THR A 141 11.95 -9.21 -12.27
CA THR A 141 12.06 -10.42 -13.07
C THR A 141 12.88 -11.52 -12.41
N GLY A 142 13.96 -11.17 -11.71
CA GLY A 142 14.90 -12.14 -11.15
C GLY A 142 14.43 -13.58 -11.02
N ASP A 144 15.76 -12.27 -8.07
CA ASP A 144 15.46 -10.90 -7.60
C ASP A 144 13.97 -10.75 -7.33
N LYS A 145 13.15 -11.16 -8.29
CA LYS A 145 11.71 -11.22 -8.07
C LYS A 145 11.39 -12.11 -6.87
N LYS A 146 12.07 -13.25 -6.74
CA LYS A 146 11.78 -14.17 -5.64
C LYS A 146 12.04 -13.53 -4.30
N ARG A 147 13.16 -12.81 -4.15
CA ARG A 147 13.51 -12.18 -2.89
C ARG A 147 12.50 -11.09 -2.54
N ILE A 148 12.09 -10.31 -3.55
CA ILE A 148 11.13 -9.23 -3.33
C ILE A 148 9.80 -9.79 -2.86
N ILE A 149 9.34 -10.87 -3.51
CA ILE A 149 8.09 -11.50 -3.13
C ILE A 149 8.15 -11.99 -1.67
N ASP A 150 9.29 -12.56 -1.27
CA ASP A 150 9.41 -13.03 0.11
C ASP A 150 9.40 -11.86 1.11
N SER A 151 10.00 -10.74 0.73
CA SER A 151 9.97 -9.58 1.61
C SER A 151 8.55 -9.05 1.78
N ALA A 152 7.77 -9.03 0.70
CA ALA A 152 6.39 -8.58 0.79
C ALA A 152 5.59 -9.54 1.67
N ARG A 153 5.75 -10.84 1.42
CA ARG A 153 4.99 -11.83 2.18
C ARG A 153 5.29 -11.73 3.67
N SER A 154 6.57 -11.56 4.02
N SER A 154 6.57 -11.57 4.02
CA SER A 154 6.97 -11.51 5.41
CA SER A 154 6.95 -11.53 5.43
C SER A 154 6.40 -10.30 6.13
C SER A 154 6.34 -10.31 6.12
N ALA A 155 6.38 -9.15 5.45
CA ALA A 155 5.81 -7.95 6.06
C ALA A 155 4.31 -8.10 6.26
N TYR A 156 3.62 -8.57 5.21
CA TYR A 156 2.17 -8.76 5.33
C TYR A 156 1.83 -9.79 6.42
N GLN A 157 2.61 -10.87 6.52
CA GLN A 157 2.30 -11.89 7.51
C GLN A 157 2.52 -11.37 8.93
N GLU A 158 3.61 -10.64 9.18
CA GLU A 158 3.79 -10.06 10.51
C GLU A 158 2.64 -9.10 10.84
N ALA A 159 2.23 -8.28 9.88
CA ALA A 159 1.11 -7.40 10.11
C ALA A 159 -0.17 -8.17 10.42
N MET A 160 -0.40 -9.27 9.70
CA MET A 160 -1.58 -10.10 9.95
C MET A 160 -1.55 -10.67 11.37
N ASP A 161 -0.38 -11.17 11.79
CA ASP A 161 -0.30 -11.78 13.12
C ASP A 161 -0.64 -10.77 14.20
N ILE A 162 -0.12 -9.54 14.10
CA ILE A 162 -0.40 -8.51 15.09
C ILE A 162 -1.87 -8.13 15.03
N SER A 163 -2.41 -7.96 13.82
CA SER A 163 -3.78 -7.49 13.66
C SER A 163 -4.79 -8.50 14.22
N LYS A 164 -4.52 -9.80 14.05
CA LYS A 164 -5.43 -10.82 14.58
C LYS A 164 -5.39 -10.88 16.09
N LYS A 165 -4.26 -10.54 16.71
CA LYS A 165 -4.16 -10.52 18.16
C LYS A 165 -4.72 -9.24 18.78
N GLU A 166 -4.63 -8.10 18.09
CA GLU A 166 -4.83 -6.80 18.71
C GLU A 166 -6.01 -5.99 18.19
N MET A 167 -6.61 -6.36 17.06
CA MET A 167 -7.67 -5.55 16.47
C MET A 167 -8.89 -6.42 16.23
N PRO A 168 -10.08 -5.82 16.27
CA PRO A 168 -11.30 -6.58 15.91
C PRO A 168 -11.36 -6.83 14.42
N PRO A 169 -12.13 -7.84 14.00
CA PRO A 169 -12.18 -8.19 12.57
C PRO A 169 -12.72 -7.11 11.67
N THR A 170 -13.41 -6.10 12.20
CA THR A 170 -13.96 -5.04 11.38
C THR A 170 -13.05 -3.82 11.30
N ASN A 171 -11.92 -3.84 12.00
CA ASN A 171 -11.06 -2.65 12.00
C ASN A 171 -10.62 -2.36 10.58
N PRO A 172 -10.79 -1.12 10.09
CA PRO A 172 -10.47 -0.85 8.68
C PRO A 172 -9.03 -1.11 8.27
N ILE A 173 -8.06 -0.89 9.17
CA ILE A 173 -6.68 -1.20 8.84
C ILE A 173 -6.52 -2.70 8.66
N ARG A 174 -7.10 -3.49 9.56
CA ARG A 174 -7.05 -4.94 9.45
C ARG A 174 -7.72 -5.41 8.17
N LEU A 175 -8.87 -4.84 7.83
CA LEU A 175 -9.56 -5.20 6.60
C LEU A 175 -8.73 -4.83 5.36
N GLY A 176 -8.19 -3.62 5.32
CA GLY A 176 -7.40 -3.23 4.17
C GLY A 176 -6.12 -4.03 4.03
N LEU A 177 -5.51 -4.42 5.14
CA LEU A 177 -4.37 -5.32 5.12
C LEU A 177 -4.73 -6.65 4.48
N ALA A 178 -5.82 -7.27 4.96
CA ALA A 178 -6.22 -8.56 4.43
C ALA A 178 -6.57 -8.47 2.95
N LEU A 179 -7.25 -7.39 2.56
CA LEU A 179 -7.55 -7.17 1.15
C LEU A 179 -6.27 -7.15 0.32
N ASN A 180 -5.30 -6.34 0.74
CA ASN A 180 -4.09 -6.20 -0.08
C ASN A 180 -3.25 -7.48 -0.07
N PHE A 181 -3.20 -8.21 1.07
CA PHE A 181 -2.48 -9.48 1.11
C PHE A 181 -3.16 -10.48 0.16
N SER A 182 -4.49 -10.45 0.08
CA SER A 182 -5.17 -11.34 -0.84
C SER A 182 -4.82 -11.03 -2.28
N VAL A 183 -4.72 -9.73 -2.62
CA VAL A 183 -4.29 -9.31 -3.96
C VAL A 183 -2.87 -9.79 -4.23
N PHE A 184 -1.97 -9.64 -3.25
CA PHE A 184 -0.63 -10.19 -3.36
C PHE A 184 -0.68 -11.67 -3.71
N HIS A 185 -1.48 -12.45 -2.97
CA HIS A 185 -1.52 -13.88 -3.26
C HIS A 185 -2.01 -14.15 -4.67
N TYR A 186 -3.04 -13.43 -5.12
CA TYR A 186 -3.65 -13.74 -6.42
C TYR A 186 -2.78 -13.26 -7.57
N GLU A 187 -2.27 -12.02 -7.49
CA GLU A 187 -1.63 -11.38 -8.64
C GLU A 187 -0.12 -11.56 -8.68
N ILE A 188 0.52 -11.75 -7.54
CA ILE A 188 1.98 -11.78 -7.44
C ILE A 188 2.52 -13.16 -7.18
N ALA A 189 1.96 -13.86 -6.18
CA ALA A 189 2.52 -15.09 -5.66
C ALA A 189 1.96 -16.32 -6.34
N ASN A 190 1.08 -16.16 -7.31
CA ASN A 190 0.46 -17.28 -8.02
C ASN A 190 -0.19 -18.26 -7.06
N SER A 191 -0.88 -17.71 -6.05
CA SER A 191 -1.55 -18.49 -5.01
C SER A 191 -3.02 -18.09 -4.97
N PRO A 192 -3.76 -18.33 -6.06
CA PRO A 192 -5.16 -17.88 -6.10
C PRO A 192 -6.04 -18.53 -5.05
N GLU A 193 -5.79 -19.78 -4.69
CA GLU A 193 -6.63 -20.38 -3.66
C GLU A 193 -6.39 -19.74 -2.31
N GLU A 194 -5.14 -19.38 -2.00
CA GLU A 194 -4.86 -18.64 -0.77
C GLU A 194 -5.56 -17.30 -0.78
N ALA A 195 -5.57 -16.61 -1.91
CA ALA A 195 -6.25 -15.32 -2.05
C ALA A 195 -7.73 -15.45 -1.75
N ILE A 196 -8.37 -16.46 -2.33
CA ILE A 196 -9.81 -16.66 -2.15
C ILE A 196 -10.11 -17.04 -0.71
N SER A 197 -9.32 -17.92 -0.12
CA SER A 197 -9.55 -18.32 1.27
CA SER A 197 -9.56 -18.32 1.27
C SER A 197 -9.42 -17.13 2.21
N LEU A 198 -8.38 -16.31 2.03
CA LEU A 198 -8.19 -15.16 2.92
C LEU A 198 -9.31 -14.16 2.76
N ALA A 199 -9.72 -13.87 1.53
CA ALA A 199 -10.78 -12.89 1.33
C ALA A 199 -12.10 -13.39 1.92
N LYS A 200 -12.38 -14.69 1.79
CA LYS A 200 -13.64 -15.24 2.30
C LYS A 200 -13.66 -15.23 3.82
N THR A 201 -12.58 -15.69 4.46
CA THR A 201 -12.54 -15.71 5.92
C THR A 201 -12.60 -14.30 6.48
N THR A 202 -11.87 -13.37 5.86
CA THR A 202 -11.89 -11.98 6.32
C THR A 202 -13.31 -11.41 6.23
N PHE A 203 -13.98 -11.64 5.09
CA PHE A 203 -15.32 -11.10 4.89
C PHE A 203 -16.28 -11.68 5.93
N ASP A 204 -16.22 -12.99 6.16
CA ASP A 204 -17.19 -13.63 7.06
C ASP A 204 -16.96 -13.22 8.51
N GLU A 205 -15.69 -13.12 8.92
CA GLU A 205 -15.42 -12.71 10.29
C GLU A 205 -15.82 -11.26 10.52
N ALA A 206 -15.64 -10.40 9.53
CA ALA A 206 -16.10 -9.02 9.65
C ALA A 206 -17.63 -8.96 9.72
N MET A 207 -18.32 -9.70 8.87
CA MET A 207 -19.77 -9.71 8.87
C MET A 207 -20.29 -9.98 10.28
N ALA A 208 -19.72 -10.97 10.95
CA ALA A 208 -20.19 -11.40 12.25
C ALA A 208 -19.86 -10.42 13.36
N ASP A 209 -19.06 -9.39 13.07
CA ASP A 209 -18.69 -8.37 14.05
C ASP A 209 -19.36 -7.02 13.78
N LEU A 210 -20.08 -6.87 12.67
CA LEU A 210 -20.71 -5.60 12.36
C LEU A 210 -21.69 -5.14 13.45
N HIS A 211 -22.31 -6.07 14.16
CA HIS A 211 -23.31 -5.72 15.18
C HIS A 211 -22.73 -4.87 16.29
N THR A 212 -21.40 -4.85 16.45
CA THR A 212 -20.77 -4.10 17.52
C THR A 212 -20.51 -2.65 17.17
N LEU A 213 -20.75 -2.24 15.93
CA LEU A 213 -20.29 -0.98 15.40
C LEU A 213 -21.37 0.10 15.44
N SER A 214 -20.92 1.34 15.61
CA SER A 214 -21.74 2.51 15.38
C SER A 214 -22.05 2.66 13.90
N GLU A 215 -22.99 3.57 13.60
CA GLU A 215 -23.39 3.80 12.22
C GLU A 215 -22.20 4.25 11.38
N ASP A 216 -21.33 5.11 11.93
CA ASP A 216 -20.20 5.61 11.16
C ASP A 216 -19.15 4.54 10.94
N SER A 217 -18.82 3.78 11.99
CA SER A 217 -17.87 2.69 11.84
C SER A 217 -18.40 1.62 10.89
N TYR A 218 -19.70 1.35 10.97
CA TYR A 218 -20.33 0.38 10.06
C TYR A 218 -20.11 0.78 8.60
N LYS A 219 -20.25 2.07 8.29
CA LYS A 219 -20.01 2.53 6.92
C LYS A 219 -18.55 2.34 6.53
N ASP A 220 -17.61 2.63 7.44
CA ASP A 220 -16.19 2.44 7.14
C ASP A 220 -15.90 0.99 6.80
N SER A 221 -16.36 0.07 7.66
CA SER A 221 -16.02 -1.35 7.50
C SER A 221 -16.71 -1.96 6.28
N THR A 222 -18.00 -1.65 6.07
CA THR A 222 -18.69 -2.24 4.93
C THR A 222 -18.12 -1.75 3.61
N LEU A 223 -17.56 -0.53 3.58
CA LEU A 223 -16.94 -0.04 2.35
C LEU A 223 -15.81 -0.97 1.90
N ILE A 224 -14.97 -1.37 2.84
CA ILE A 224 -13.84 -2.23 2.48
C ILE A 224 -14.30 -3.65 2.21
N MET A 225 -15.31 -4.12 2.96
CA MET A 225 -15.86 -5.45 2.70
C MET A 225 -16.39 -5.59 1.29
N GLN A 226 -16.92 -4.50 0.73
CA GLN A 226 -17.41 -4.53 -0.64
C GLN A 226 -16.28 -4.84 -1.62
N LEU A 227 -15.09 -4.29 -1.38
CA LEU A 227 -13.94 -4.59 -2.23
C LEU A 227 -13.55 -6.07 -2.13
N LEU A 228 -13.57 -6.65 -0.92
CA LEU A 228 -13.34 -8.07 -0.79
C LEU A 228 -14.35 -8.87 -1.59
N ARG A 229 -15.64 -8.50 -1.47
CA ARG A 229 -16.69 -9.20 -2.22
C ARG A 229 -16.48 -9.07 -3.72
N ASP A 230 -16.13 -7.88 -4.19
CA ASP A 230 -15.91 -7.67 -5.62
C ASP A 230 -14.80 -8.56 -6.14
N ASN A 231 -13.70 -8.68 -5.39
CA ASN A 231 -12.62 -9.56 -5.82
C ASN A 231 -13.06 -11.01 -5.85
N LEU A 232 -13.81 -11.45 -4.82
CA LEU A 232 -14.26 -12.83 -4.80
C LEU A 232 -15.13 -13.15 -6.01
N THR A 233 -15.95 -12.18 -6.43
CA THR A 233 -16.77 -12.35 -7.63
C THR A 233 -15.91 -12.50 -8.87
N LEU A 234 -14.83 -11.69 -8.97
CA LEU A 234 -13.93 -11.79 -10.12
C LEU A 234 -13.13 -13.08 -10.09
N TRP A 235 -12.80 -13.59 -8.89
CA TRP A 235 -11.92 -14.72 -8.76
C TRP A 235 -12.65 -16.06 -8.81
N THR A 236 -13.97 -16.03 -8.66
CA THR A 236 -14.79 -17.23 -8.67
C THR A 236 -16.04 -16.96 -9.51
N ARG B 4 -8.23 -6.70 -13.51
CA ARG B 4 -7.23 -6.75 -12.45
C ARG B 4 -7.92 -6.67 -11.07
N SER B 5 -7.31 -7.29 -10.07
CA SER B 5 -7.90 -7.32 -8.74
C SER B 5 -7.86 -5.94 -8.10
N LEU B 6 -8.84 -5.68 -7.24
CA LEU B 6 -8.95 -4.40 -6.58
C LEU B 6 -8.19 -4.39 -5.26
N SEP B 7 -7.29 -3.43 -5.07
CA SEP B 7 -6.63 -3.27 -3.78
CB SEP B 7 -5.14 -3.07 -3.96
OG SEP B 7 -4.93 -1.88 -4.71
C SEP B 7 -7.28 -2.10 -3.01
O SEP B 7 -8.19 -1.44 -3.51
P SEP B 7 -3.40 -1.59 -5.10
O1P SEP B 7 -3.47 -0.21 -5.90
O2P SEP B 7 -2.90 -2.75 -6.05
O3P SEP B 7 -2.53 -1.41 -3.80
N GLU B 8 -6.81 -1.87 -1.78
CA GLU B 8 -7.42 -0.92 -0.87
C GLU B 8 -7.36 0.49 -1.43
N ARG B 9 -8.43 1.25 -1.21
CA ARG B 9 -8.40 2.70 -1.41
C ARG B 9 -8.06 3.38 -0.10
C01 0BL C . -13.96 7.08 6.61
C02 0BL C . -12.53 6.59 6.43
C03 0BL C . -11.77 7.54 5.56
C05 0BL C . -11.53 5.39 4.72
C06 0BL C . -12.48 5.29 5.72
C07 0BL C . -13.18 4.08 5.90
C08 0BL C . -12.93 2.99 5.07
C09 0BL C . -11.97 3.10 4.05
C10 0BL C . -11.28 4.29 3.87
C11 0BL C . -10.90 8.37 6.50
C14 0BL C . -8.76 8.58 7.77
C15 0BL C . -8.21 9.82 7.07
C16 0BL C . -7.83 11.00 7.79
C17 0BL C . -7.32 12.04 6.81
C18 0BL C . -7.36 11.53 5.48
C20 0BL C . -6.90 12.35 4.29
C23 0BL C . -7.91 11.28 9.28
C24 0BL C . -7.64 10.30 10.24
C25 0BL C . -7.71 10.63 11.59
C26 0BL C . -8.05 11.91 11.99
C27 0BL C . -8.31 12.88 11.04
C28 0BL C . -8.25 12.57 9.69
N13 0BL C . -9.61 7.83 6.87
N21 0BL C . -6.88 11.76 2.97
N22 0BL C . -6.57 13.54 4.46
O04 0BL C . -10.94 6.74 4.72
O12 0BL C . -11.28 9.41 6.93
S19 0BL C . -7.94 10.01 5.47
H013 0BL C . -14.02 8.01 6.35
H011 0BL C . -14.22 6.98 7.54
H012 0BL C . -14.55 6.55 6.05
H021 0BL C . -12.12 6.50 7.30
H031 0BL C . -12.36 8.05 5.00
H071 0BL C . -13.81 4.01 6.59
H081 0BL C . -13.39 2.19 5.19
H091 0BL C . -11.80 2.37 3.50
H101 0BL C . -10.64 4.36 3.18
H141 0BL C . -9.28 8.85 8.54
H142 0BL C . -8.03 8.02 8.05
H171 0BL C . -7.02 12.88 7.05
H241 0BL C . -7.41 9.44 9.97
H251 0BL C . -7.52 9.98 12.23
H261 0BL C . -8.09 12.12 12.90
H271 0BL C . -8.54 13.75 11.30
H281 0BL C . -8.42 13.22 9.06
H131 0BL C . -9.35 7.07 6.56
H212 0BL C . -6.63 12.23 2.29
H221 0BL C . -6.31 14.04 3.77
H211 0BL C . -7.11 10.94 2.86
CL CL D . 5.85 26.01 -0.20
MG MG E . 10.48 22.90 14.84
MG MG F . 6.86 4.37 19.86
#